data_1S6W
#
_entry.id   1S6W
#
_entity_poly.entity_id   1
_entity_poly.type   'polypeptide(L)'
_entity_poly.pdbx_seq_one_letter_code
;GCRFCCNCCPNMSGCGVCCRF
;
_entity_poly.pdbx_strand_id   A
#
# COMPACT_ATOMS: atom_id res chain seq x y z
N GLY A 1 3.27 -2.56 13.22
CA GLY A 1 2.25 -1.49 12.99
C GLY A 1 2.24 -1.10 11.50
N CYS A 2 1.39 -1.71 10.72
CA CYS A 2 1.31 -1.38 9.26
C CYS A 2 -0.13 -1.51 8.78
N ARG A 3 -0.48 -0.91 7.67
CA ARG A 3 -1.88 -1.00 7.17
C ARG A 3 -1.89 -1.36 5.68
N PHE A 4 -2.96 -1.95 5.22
CA PHE A 4 -3.05 -2.33 3.77
C PHE A 4 -3.52 -1.13 2.95
N CYS A 5 -2.86 -0.85 1.85
CA CYS A 5 -3.28 0.32 1.01
C CYS A 5 -3.35 -0.08 -0.46
N CYS A 6 -4.19 0.56 -1.24
CA CYS A 6 -4.29 0.20 -2.69
C CYS A 6 -3.83 1.37 -3.56
N ASN A 7 -2.79 2.07 -3.15
CA ASN A 7 -2.28 3.22 -3.96
C ASN A 7 -0.93 3.71 -3.39
N CYS A 8 0.02 2.84 -3.27
CA CYS A 8 1.36 3.25 -2.73
C CYS A 8 2.35 3.47 -3.85
N CYS A 9 2.26 2.65 -4.86
CA CYS A 9 3.24 2.70 -5.96
C CYS A 9 2.57 2.35 -7.28
N PRO A 10 2.91 3.09 -8.32
CA PRO A 10 2.29 2.85 -9.66
C PRO A 10 2.85 1.57 -10.30
N ASN A 11 2.74 0.46 -9.61
CA ASN A 11 3.25 -0.83 -10.18
C ASN A 11 2.49 -2.04 -9.59
N MET A 12 1.28 -1.83 -9.12
CA MET A 12 0.51 -2.97 -8.54
C MET A 12 -1.00 -2.70 -8.66
N SER A 13 -1.69 -3.48 -9.45
CA SER A 13 -3.16 -3.28 -9.61
C SER A 13 -3.92 -3.96 -8.46
N GLY A 14 -3.68 -3.53 -7.24
CA GLY A 14 -4.39 -4.15 -6.08
C GLY A 14 -4.05 -3.36 -4.81
N CYS A 15 -3.62 -4.05 -3.78
CA CYS A 15 -3.27 -3.35 -2.52
C CYS A 15 -1.97 -3.93 -1.93
N GLY A 16 -1.25 -3.14 -1.18
CA GLY A 16 0.02 -3.63 -0.58
C GLY A 16 0.13 -3.19 0.88
N VAL A 17 1.21 -3.50 1.53
CA VAL A 17 1.38 -3.11 2.97
C VAL A 17 1.93 -1.68 3.06
N CYS A 18 1.28 -0.84 3.83
CA CYS A 18 1.75 0.57 3.99
C CYS A 18 2.07 0.86 5.46
N CYS A 19 3.21 1.43 5.74
CA CYS A 19 3.58 1.75 7.16
C CYS A 19 3.81 3.25 7.34
N ARG A 20 3.48 4.05 6.35
CA ARG A 20 3.68 5.54 6.48
C ARG A 20 2.32 6.24 6.54
N PHE A 21 2.06 6.94 7.61
CA PHE A 21 0.74 7.66 7.73
C PHE A 21 0.94 9.01 8.43
N GLY A 1 1.19 0.25 14.06
CA GLY A 1 1.94 -0.82 13.35
C GLY A 1 1.92 -0.54 11.84
N CYS A 2 1.43 -1.46 11.04
CA CYS A 2 1.38 -1.23 9.57
C CYS A 2 -0.09 -1.35 9.09
N ARG A 3 -0.40 -0.81 7.94
CA ARG A 3 -1.80 -0.90 7.43
C ARG A 3 -1.81 -1.33 5.96
N PHE A 4 -2.89 -1.90 5.51
CA PHE A 4 -2.97 -2.35 4.09
C PHE A 4 -3.42 -1.17 3.21
N CYS A 5 -2.88 -1.05 2.02
CA CYS A 5 -3.28 0.09 1.14
C CYS A 5 -3.32 -0.35 -0.33
N CYS A 6 -4.15 0.28 -1.14
CA CYS A 6 -4.24 -0.10 -2.58
C CYS A 6 -3.82 1.10 -3.46
N ASN A 7 -2.69 1.69 -3.18
CA ASN A 7 -2.21 2.85 -3.99
C ASN A 7 -0.85 3.34 -3.47
N CYS A 8 0.12 2.47 -3.40
CA CYS A 8 1.48 2.89 -2.92
C CYS A 8 2.35 3.38 -4.04
N CYS A 9 2.30 2.70 -5.16
CA CYS A 9 3.21 3.03 -6.26
C CYS A 9 2.55 2.70 -7.62
N PRO A 10 2.84 3.52 -8.62
CA PRO A 10 2.25 3.30 -9.97
C PRO A 10 2.88 2.07 -10.64
N ASN A 11 2.68 0.90 -10.08
CA ASN A 11 3.24 -0.34 -10.69
C ASN A 11 2.26 -1.51 -10.56
N MET A 12 1.59 -1.62 -9.43
CA MET A 12 0.61 -2.73 -9.25
C MET A 12 -0.82 -2.18 -9.32
N SER A 13 -1.79 -3.04 -9.29
CA SER A 13 -3.22 -2.60 -9.36
C SER A 13 -4.05 -3.29 -8.27
N GLY A 14 -3.45 -3.64 -7.16
CA GLY A 14 -4.21 -4.31 -6.06
C GLY A 14 -3.94 -3.61 -4.74
N CYS A 15 -3.69 -4.37 -3.70
CA CYS A 15 -3.40 -3.75 -2.37
C CYS A 15 -2.13 -4.35 -1.76
N GLY A 16 -1.38 -3.56 -1.04
CA GLY A 16 -0.12 -4.07 -0.42
C GLY A 16 0.01 -3.53 1.01
N VAL A 17 1.09 -3.86 1.66
CA VAL A 17 1.29 -3.38 3.06
C VAL A 17 1.82 -1.94 3.03
N CYS A 18 1.32 -1.09 3.90
CA CYS A 18 1.78 0.33 3.94
C CYS A 18 2.16 0.69 5.37
N CYS A 19 3.40 1.10 5.59
CA CYS A 19 3.83 1.47 6.98
C CYS A 19 4.09 2.98 7.06
N ARG A 20 3.57 3.74 6.13
CA ARG A 20 3.77 5.23 6.17
C ARG A 20 2.43 5.91 6.48
N PHE A 21 2.32 6.52 7.64
CA PHE A 21 1.05 7.20 8.02
C PHE A 21 1.35 8.42 8.91
N GLY A 1 3.05 -0.59 14.02
CA GLY A 1 1.75 -0.95 13.40
C GLY A 1 1.81 -0.71 11.88
N CYS A 2 1.02 -1.42 11.13
CA CYS A 2 1.02 -1.24 9.64
C CYS A 2 -0.40 -1.40 9.10
N ARG A 3 -0.66 -0.90 7.92
CA ARG A 3 -2.05 -0.99 7.36
C ARG A 3 -1.99 -1.44 5.89
N PHE A 4 -3.04 -2.05 5.40
CA PHE A 4 -3.05 -2.49 3.96
C PHE A 4 -3.50 -1.31 3.10
N CYS A 5 -2.88 -1.12 1.97
CA CYS A 5 -3.26 0.04 1.09
C CYS A 5 -3.31 -0.38 -0.38
N CYS A 6 -4.12 0.28 -1.17
CA CYS A 6 -4.21 -0.06 -2.63
C CYS A 6 -3.78 1.14 -3.48
N ASN A 7 -2.72 1.79 -3.11
CA ASN A 7 -2.22 2.98 -3.89
C ASN A 7 -0.88 3.46 -3.31
N CYS A 8 0.15 2.68 -3.46
CA CYS A 8 1.49 3.09 -2.92
C CYS A 8 2.38 3.62 -4.03
N CYS A 9 2.33 2.98 -5.16
CA CYS A 9 3.21 3.34 -6.27
C CYS A 9 2.52 3.05 -7.61
N PRO A 10 3.00 3.69 -8.65
CA PRO A 10 2.40 3.48 -10.01
C PRO A 10 2.79 2.11 -10.61
N ASN A 11 2.65 1.05 -9.84
CA ASN A 11 3.01 -0.30 -10.37
C ASN A 11 2.34 -1.39 -9.51
N MET A 12 1.06 -1.26 -9.24
CA MET A 12 0.36 -2.28 -8.41
C MET A 12 -1.14 -2.30 -8.76
N SER A 13 -1.61 -3.39 -9.31
CA SER A 13 -3.07 -3.46 -9.66
C SER A 13 -3.84 -4.16 -8.52
N GLY A 14 -3.64 -3.72 -7.30
CA GLY A 14 -4.37 -4.36 -6.15
C GLY A 14 -4.03 -3.61 -4.86
N CYS A 15 -3.60 -4.32 -3.85
CA CYS A 15 -3.26 -3.65 -2.54
C CYS A 15 -1.95 -4.21 -1.98
N GLY A 16 -1.28 -3.43 -1.17
CA GLY A 16 0.01 -3.90 -0.57
C GLY A 16 0.09 -3.46 0.89
N VAL A 17 1.16 -3.76 1.56
CA VAL A 17 1.30 -3.36 3.00
C VAL A 17 1.84 -1.94 3.11
N CYS A 18 1.23 -1.11 3.92
CA CYS A 18 1.70 0.30 4.08
C CYS A 18 1.97 0.57 5.58
N CYS A 19 3.16 0.99 5.92
CA CYS A 19 3.48 1.28 7.37
C CYS A 19 3.80 2.77 7.57
N ARG A 20 3.84 3.54 6.51
CA ARG A 20 4.15 5.01 6.66
C ARG A 20 2.89 5.83 6.32
N PHE A 21 2.53 6.77 7.14
CA PHE A 21 1.31 7.59 6.86
C PHE A 21 1.55 9.06 7.24
N GLY A 1 2.99 0.31 13.63
CA GLY A 1 2.14 -0.74 13.00
C GLY A 1 1.99 -0.45 11.51
N CYS A 2 1.64 -1.43 10.72
CA CYS A 2 1.46 -1.20 9.26
C CYS A 2 0.00 -1.42 8.86
N ARG A 3 -0.43 -0.90 7.74
CA ARG A 3 -1.85 -1.08 7.32
C ARG A 3 -1.93 -1.50 5.85
N PHE A 4 -2.99 -2.14 5.45
CA PHE A 4 -3.13 -2.59 4.04
C PHE A 4 -3.70 -1.44 3.20
N CYS A 5 -3.18 -1.22 2.02
CA CYS A 5 -3.69 -0.10 1.17
C CYS A 5 -3.60 -0.46 -0.32
N CYS A 6 -4.39 0.18 -1.15
CA CYS A 6 -4.35 -0.14 -2.61
C CYS A 6 -3.86 1.08 -3.42
N ASN A 7 -2.84 1.76 -2.94
CA ASN A 7 -2.31 2.94 -3.67
C ASN A 7 -0.99 3.40 -3.03
N CYS A 8 0.05 2.62 -3.16
CA CYS A 8 1.36 3.01 -2.54
C CYS A 8 2.35 3.51 -3.57
N CYS A 9 2.36 2.87 -4.70
CA CYS A 9 3.37 3.20 -5.72
C CYS A 9 2.80 2.97 -7.13
N PRO A 10 3.35 3.66 -8.10
CA PRO A 10 2.88 3.52 -9.51
C PRO A 10 3.32 2.18 -10.12
N ASN A 11 3.04 1.08 -9.47
CA ASN A 11 3.43 -0.25 -10.03
C ASN A 11 2.60 -1.38 -9.37
N MET A 12 1.36 -1.11 -9.04
CA MET A 12 0.50 -2.14 -8.40
C MET A 12 -0.97 -1.78 -8.62
N SER A 13 -1.75 -2.69 -9.16
CA SER A 13 -3.19 -2.41 -9.39
C SER A 13 -4.07 -3.11 -8.33
N GLY A 14 -3.49 -3.53 -7.25
CA GLY A 14 -4.28 -4.22 -6.18
C GLY A 14 -4.01 -3.55 -4.83
N CYS A 15 -3.76 -4.34 -3.81
CA CYS A 15 -3.49 -3.75 -2.46
C CYS A 15 -2.25 -4.42 -1.83
N GLY A 16 -1.57 -3.72 -0.96
CA GLY A 16 -0.35 -4.31 -0.31
C GLY A 16 -0.23 -3.74 1.11
N VAL A 17 0.64 -4.31 1.91
CA VAL A 17 0.83 -3.79 3.29
C VAL A 17 1.76 -2.58 3.26
N CYS A 18 1.33 -1.48 3.81
CA CYS A 18 2.19 -0.26 3.83
C CYS A 18 2.28 0.31 5.25
N CYS A 19 3.39 0.92 5.59
CA CYS A 19 3.55 1.50 6.96
C CYS A 19 3.83 3.01 6.90
N ARG A 20 3.62 3.64 5.77
CA ARG A 20 3.86 5.11 5.65
C ARG A 20 2.53 5.84 5.48
N PHE A 21 2.21 6.73 6.40
CA PHE A 21 0.93 7.48 6.29
C PHE A 21 1.12 8.94 6.72
N GLY A 1 3.84 -1.44 12.79
CA GLY A 1 3.04 -0.24 12.41
C GLY A 1 2.85 -0.20 10.89
N CYS A 2 1.95 -1.01 10.38
CA CYS A 2 1.70 -1.02 8.90
C CYS A 2 0.21 -1.31 8.64
N ARG A 3 -0.31 -0.87 7.52
CA ARG A 3 -1.75 -1.12 7.22
C ARG A 3 -1.92 -1.58 5.76
N PHE A 4 -2.99 -2.27 5.48
CA PHE A 4 -3.22 -2.75 4.08
C PHE A 4 -3.92 -1.65 3.29
N CYS A 5 -3.47 -1.39 2.08
CA CYS A 5 -4.12 -0.32 1.26
C CYS A 5 -4.10 -0.70 -0.22
N CYS A 6 -4.88 -0.03 -1.03
CA CYS A 6 -4.90 -0.34 -2.49
C CYS A 6 -4.36 0.84 -3.30
N ASN A 7 -3.40 1.53 -2.76
CA ASN A 7 -2.79 2.71 -3.47
C ASN A 7 -1.65 3.29 -2.63
N CYS A 8 -0.43 3.00 -2.97
CA CYS A 8 0.73 3.54 -2.19
C CYS A 8 1.86 3.97 -3.11
N CYS A 9 2.12 3.19 -4.12
CA CYS A 9 3.27 3.46 -4.99
C CYS A 9 2.97 2.98 -6.42
N PRO A 10 3.59 3.63 -7.38
CA PRO A 10 3.38 3.26 -8.81
C PRO A 10 4.04 1.91 -9.14
N ASN A 11 3.64 0.85 -8.47
CA ASN A 11 4.23 -0.49 -8.74
C ASN A 11 3.31 -1.62 -8.25
N MET A 12 2.03 -1.36 -8.15
CA MET A 12 1.07 -2.41 -7.69
C MET A 12 -0.37 -1.90 -7.79
N SER A 13 -0.99 -2.10 -8.93
CA SER A 13 -2.40 -1.62 -9.10
C SER A 13 -3.38 -2.60 -8.43
N GLY A 14 -3.29 -2.75 -7.12
CA GLY A 14 -4.20 -3.69 -6.41
C GLY A 14 -4.23 -3.32 -4.92
N CYS A 15 -4.08 -4.29 -4.05
CA CYS A 15 -4.08 -3.99 -2.59
C CYS A 15 -2.91 -4.70 -1.90
N GLY A 16 -2.26 -4.04 -0.98
CA GLY A 16 -1.11 -4.68 -0.28
C GLY A 16 -0.86 -3.95 1.04
N VAL A 17 0.06 -4.45 1.84
CA VAL A 17 0.37 -3.78 3.14
C VAL A 17 1.35 -2.63 2.92
N CYS A 18 1.03 -1.46 3.42
CA CYS A 18 1.94 -0.29 3.25
C CYS A 18 2.20 0.37 4.60
N CYS A 19 3.35 0.97 4.77
CA CYS A 19 3.67 1.63 6.07
C CYS A 19 4.01 3.11 5.83
N ARG A 20 3.50 3.70 4.77
CA ARG A 20 3.77 5.14 4.49
C ARG A 20 2.48 5.95 4.71
N PHE A 21 2.45 6.78 5.72
CA PHE A 21 1.21 7.60 5.97
C PHE A 21 1.59 9.02 6.43
N GLY A 1 3.45 0.45 13.29
CA GLY A 1 2.04 0.54 12.81
C GLY A 1 2.01 0.35 11.29
N CYS A 2 1.28 -0.63 10.82
CA CYS A 2 1.22 -0.87 9.34
C CYS A 2 -0.22 -1.25 8.93
N ARG A 3 -0.58 -1.00 7.70
CA ARG A 3 -1.98 -1.33 7.22
C ARG A 3 -1.94 -1.71 5.74
N PHE A 4 -2.92 -2.46 5.28
CA PHE A 4 -2.95 -2.85 3.84
C PHE A 4 -3.56 -1.70 3.02
N CYS A 5 -2.97 -1.36 1.90
CA CYS A 5 -3.51 -0.22 1.09
C CYS A 5 -3.53 -0.55 -0.40
N CYS A 6 -4.37 0.12 -1.15
CA CYS A 6 -4.43 -0.13 -2.62
C CYS A 6 -3.78 1.05 -3.37
N ASN A 7 -2.67 1.54 -2.88
CA ASN A 7 -1.99 2.69 -3.56
C ASN A 7 -0.62 2.94 -2.89
N CYS A 8 0.20 1.95 -2.77
CA CYS A 8 1.55 2.15 -2.13
C CYS A 8 2.53 2.73 -3.13
N CYS A 9 2.47 2.27 -4.34
CA CYS A 9 3.47 2.69 -5.34
C CYS A 9 2.81 2.74 -6.74
N PRO A 10 3.41 3.50 -7.63
CA PRO A 10 2.86 3.64 -9.00
C PRO A 10 3.16 2.38 -9.85
N ASN A 11 2.93 1.21 -9.31
CA ASN A 11 3.18 -0.04 -10.09
C ASN A 11 2.41 -1.22 -9.47
N MET A 12 1.19 -1.00 -9.06
CA MET A 12 0.37 -2.09 -8.44
C MET A 12 -1.12 -1.80 -8.63
N SER A 13 -1.83 -2.66 -9.31
CA SER A 13 -3.28 -2.42 -9.52
C SER A 13 -4.12 -3.19 -8.48
N GLY A 14 -3.67 -3.25 -7.25
CA GLY A 14 -4.44 -3.97 -6.20
C GLY A 14 -4.09 -3.40 -4.83
N CYS A 15 -3.92 -4.24 -3.85
CA CYS A 15 -3.58 -3.75 -2.48
C CYS A 15 -2.29 -4.41 -1.98
N GLY A 16 -1.52 -3.69 -1.20
CA GLY A 16 -0.24 -4.25 -0.67
C GLY A 16 -0.03 -3.77 0.77
N VAL A 17 1.11 -4.07 1.35
CA VAL A 17 1.39 -3.64 2.75
C VAL A 17 1.82 -2.16 2.77
N CYS A 18 1.16 -1.36 3.57
CA CYS A 18 1.51 0.09 3.64
C CYS A 18 1.91 0.47 5.07
N CYS A 19 3.07 1.04 5.24
CA CYS A 19 3.51 1.45 6.61
C CYS A 19 3.87 2.94 6.64
N ARG A 20 3.48 3.69 5.62
CA ARG A 20 3.78 5.15 5.59
C ARG A 20 2.48 5.94 5.78
N PHE A 21 2.35 6.63 6.88
CA PHE A 21 1.12 7.42 7.13
C PHE A 21 1.48 8.75 7.81
N GLY A 1 2.82 2.06 12.29
CA GLY A 1 3.06 0.63 11.95
C GLY A 1 2.77 0.40 10.46
N CYS A 2 2.12 -0.70 10.14
CA CYS A 2 1.80 -0.97 8.70
C CYS A 2 0.31 -1.24 8.53
N ARG A 3 -0.25 -0.84 7.42
CA ARG A 3 -1.71 -1.05 7.19
C ARG A 3 -1.94 -1.55 5.76
N PHE A 4 -3.03 -2.21 5.51
CA PHE A 4 -3.31 -2.70 4.12
C PHE A 4 -3.95 -1.60 3.29
N CYS A 5 -3.59 -1.48 2.03
CA CYS A 5 -4.18 -0.40 1.19
C CYS A 5 -4.23 -0.80 -0.29
N CYS A 6 -5.18 -0.28 -1.02
CA CYS A 6 -5.28 -0.60 -2.48
C CYS A 6 -4.64 0.53 -3.31
N ASN A 7 -3.67 1.21 -2.74
CA ASN A 7 -2.98 2.32 -3.45
C ASN A 7 -1.90 2.90 -2.55
N CYS A 8 -0.71 3.10 -3.06
CA CYS A 8 0.40 3.65 -2.22
C CYS A 8 1.59 4.07 -3.06
N CYS A 9 1.91 3.28 -4.04
CA CYS A 9 3.12 3.54 -4.83
C CYS A 9 2.91 3.11 -6.29
N PRO A 10 3.60 3.77 -7.19
CA PRO A 10 3.48 3.45 -8.63
C PRO A 10 4.12 2.09 -8.97
N ASN A 11 3.74 1.04 -8.28
CA ASN A 11 4.31 -0.31 -8.59
C ASN A 11 3.40 -1.40 -8.01
N MET A 12 2.10 -1.18 -8.02
CA MET A 12 1.17 -2.21 -7.47
C MET A 12 -0.27 -1.76 -7.70
N SER A 13 -0.80 -1.95 -8.88
CA SER A 13 -2.21 -1.54 -9.15
C SER A 13 -3.16 -2.60 -8.58
N GLY A 14 -3.25 -2.66 -7.27
CA GLY A 14 -4.13 -3.67 -6.63
C GLY A 14 -4.22 -3.39 -5.12
N CYS A 15 -3.96 -4.36 -4.29
CA CYS A 15 -4.04 -4.14 -2.82
C CYS A 15 -2.89 -4.85 -2.11
N GLY A 16 -2.39 -4.27 -1.06
CA GLY A 16 -1.26 -4.91 -0.30
C GLY A 16 -1.02 -4.15 1.00
N VAL A 17 -0.09 -4.60 1.81
CA VAL A 17 0.20 -3.90 3.09
C VAL A 17 1.22 -2.77 2.87
N CYS A 18 0.98 -1.62 3.43
CA CYS A 18 1.93 -0.48 3.25
C CYS A 18 2.30 0.11 4.62
N CYS A 19 3.50 0.61 4.76
CA CYS A 19 3.93 1.19 6.07
C CYS A 19 4.25 2.69 5.93
N ARG A 20 3.91 3.30 4.82
CA ARG A 20 4.19 4.76 4.66
C ARG A 20 2.91 5.55 4.93
N PHE A 21 2.90 6.31 5.99
CA PHE A 21 1.69 7.12 6.34
C PHE A 21 2.09 8.38 7.11
N GLY A 1 1.70 0.45 13.39
CA GLY A 1 2.19 -0.79 12.72
C GLY A 1 2.04 -0.63 11.19
N CYS A 2 1.62 -1.67 10.51
CA CYS A 2 1.45 -1.56 9.02
C CYS A 2 0.00 -1.85 8.64
N ARG A 3 -0.55 -1.07 7.75
CA ARG A 3 -1.96 -1.28 7.31
C ARG A 3 -1.98 -1.60 5.82
N PHE A 4 -3.00 -2.27 5.34
CA PHE A 4 -3.04 -2.61 3.88
C PHE A 4 -3.61 -1.42 3.07
N CYS A 5 -2.97 -1.07 1.97
CA CYS A 5 -3.46 0.09 1.16
C CYS A 5 -3.45 -0.28 -0.34
N CYS A 6 -4.32 0.30 -1.13
CA CYS A 6 -4.36 -0.01 -2.59
C CYS A 6 -3.73 1.13 -3.40
N ASN A 7 -2.76 1.82 -2.83
CA ASN A 7 -2.11 2.94 -3.58
C ASN A 7 -0.76 3.31 -2.94
N CYS A 8 0.15 2.37 -2.88
CA CYS A 8 1.49 2.66 -2.27
C CYS A 8 2.46 3.14 -3.34
N CYS A 9 2.37 2.55 -4.50
CA CYS A 9 3.33 2.87 -5.57
C CYS A 9 2.65 2.72 -6.93
N PRO A 10 3.01 3.59 -7.85
CA PRO A 10 2.41 3.56 -9.22
C PRO A 10 2.93 2.35 -10.03
N ASN A 11 2.74 1.16 -9.52
CA ASN A 11 3.22 -0.06 -10.26
C ASN A 11 2.50 -1.32 -9.76
N MET A 12 1.26 -1.18 -9.35
CA MET A 12 0.50 -2.36 -8.84
C MET A 12 -1.00 -2.21 -9.14
N SER A 13 -1.69 -3.29 -9.28
CA SER A 13 -3.15 -3.23 -9.57
C SER A 13 -3.95 -3.93 -8.47
N GLY A 14 -3.63 -3.66 -7.22
CA GLY A 14 -4.37 -4.32 -6.10
C GLY A 14 -4.07 -3.58 -4.79
N CYS A 15 -3.73 -4.31 -3.76
CA CYS A 15 -3.42 -3.66 -2.44
C CYS A 15 -2.12 -4.22 -1.87
N GLY A 16 -1.41 -3.43 -1.12
CA GLY A 16 -0.13 -3.91 -0.51
C GLY A 16 -0.04 -3.41 0.93
N VAL A 17 1.01 -3.76 1.62
CA VAL A 17 1.16 -3.31 3.04
C VAL A 17 1.68 -1.87 3.09
N CYS A 18 1.12 -1.06 3.93
CA CYS A 18 1.56 0.36 4.03
C CYS A 18 2.00 0.68 5.47
N CYS A 19 3.22 1.14 5.64
CA CYS A 19 3.70 1.48 7.01
C CYS A 19 3.95 2.99 7.14
N ARG A 20 3.83 3.73 6.06
CA ARG A 20 4.07 5.20 6.12
C ARG A 20 2.75 5.96 5.93
N PHE A 21 2.47 6.90 6.78
CA PHE A 21 1.20 7.68 6.65
C PHE A 21 1.48 9.15 7.00
N GLY A 1 3.29 0.12 13.37
CA GLY A 1 2.63 -1.05 12.72
C GLY A 1 2.47 -0.77 11.22
N CYS A 2 1.67 -1.56 10.53
CA CYS A 2 1.47 -1.34 9.06
C CYS A 2 0.00 -1.63 8.69
N ARG A 3 -0.46 -1.12 7.57
CA ARG A 3 -1.88 -1.36 7.15
C ARG A 3 -1.93 -1.74 5.67
N PHE A 4 -2.95 -2.46 5.26
CA PHE A 4 -3.06 -2.84 3.81
C PHE A 4 -3.77 -1.70 3.07
N CYS A 5 -3.27 -1.30 1.93
CA CYS A 5 -3.93 -0.19 1.18
C CYS A 5 -3.76 -0.36 -0.35
N CYS A 6 -4.70 0.15 -1.11
CA CYS A 6 -4.60 0.04 -2.60
C CYS A 6 -4.00 1.33 -3.17
N ASN A 7 -2.95 1.81 -2.58
CA ASN A 7 -2.31 3.09 -3.06
C ASN A 7 -1.02 3.36 -2.27
N CYS A 8 -0.05 2.49 -2.39
CA CYS A 8 1.24 2.69 -1.64
C CYS A 8 2.32 3.17 -2.57
N CYS A 9 2.31 2.67 -3.78
CA CYS A 9 3.39 2.99 -4.72
C CYS A 9 2.83 2.94 -6.15
N PRO A 10 3.39 3.77 -7.02
CA PRO A 10 2.93 3.81 -8.43
C PRO A 10 3.35 2.55 -9.21
N ASN A 11 3.10 1.39 -8.67
CA ASN A 11 3.45 0.11 -9.37
C ASN A 11 2.65 -1.05 -8.76
N MET A 12 1.36 -0.88 -8.61
CA MET A 12 0.52 -1.97 -8.01
C MET A 12 -0.84 -2.04 -8.70
N SER A 13 -1.37 -3.23 -8.86
CA SER A 13 -2.70 -3.40 -9.51
C SER A 13 -3.73 -3.93 -8.50
N GLY A 14 -3.62 -3.51 -7.25
CA GLY A 14 -4.59 -3.99 -6.22
C GLY A 14 -4.23 -3.36 -4.87
N CYS A 15 -4.07 -4.16 -3.85
CA CYS A 15 -3.72 -3.61 -2.51
C CYS A 15 -2.41 -4.20 -2.01
N GLY A 16 -1.64 -3.44 -1.28
CA GLY A 16 -0.35 -3.96 -0.75
C GLY A 16 -0.16 -3.52 0.70
N VAL A 17 0.95 -3.87 1.30
CA VAL A 17 1.20 -3.47 2.72
C VAL A 17 1.69 -2.03 2.76
N CYS A 18 1.06 -1.19 3.54
CA CYS A 18 1.49 0.23 3.62
C CYS A 18 1.70 0.63 5.08
N CYS A 19 2.88 1.06 5.42
CA CYS A 19 3.15 1.46 6.84
C CYS A 19 3.17 2.98 6.94
N ARG A 20 3.86 3.63 6.03
CA ARG A 20 3.91 5.12 6.04
C ARG A 20 3.03 5.66 4.90
N PHE A 21 2.48 6.84 5.03
CA PHE A 21 1.60 7.38 3.95
C PHE A 21 2.00 8.82 3.60
N GLY A 1 2.03 -0.90 13.35
CA GLY A 1 3.20 -1.16 12.47
C GLY A 1 2.87 -0.74 11.03
N CYS A 2 2.35 -1.64 10.24
CA CYS A 2 2.02 -1.30 8.82
C CYS A 2 0.52 -1.51 8.58
N ARG A 3 -0.04 -0.86 7.58
CA ARG A 3 -1.49 -1.05 7.28
C ARG A 3 -1.69 -1.43 5.82
N PHE A 4 -2.76 -2.08 5.50
CA PHE A 4 -3.00 -2.49 4.09
C PHE A 4 -3.65 -1.33 3.31
N CYS A 5 -3.24 -1.12 2.08
CA CYS A 5 -3.83 -0.01 1.27
C CYS A 5 -3.73 -0.32 -0.22
N CYS A 6 -4.54 0.31 -1.02
CA CYS A 6 -4.50 0.05 -2.50
C CYS A 6 -3.94 1.29 -3.23
N ASN A 7 -2.92 1.88 -2.69
CA ASN A 7 -2.30 3.08 -3.33
C ASN A 7 -0.99 3.42 -2.62
N CYS A 8 -0.02 2.55 -2.70
CA CYS A 8 1.29 2.81 -2.01
C CYS A 8 2.36 3.18 -3.01
N CYS A 9 2.36 2.53 -4.14
CA CYS A 9 3.43 2.73 -5.12
C CYS A 9 2.91 2.49 -6.54
N PRO A 10 3.47 3.20 -7.50
CA PRO A 10 3.04 3.03 -8.91
C PRO A 10 3.61 1.74 -9.51
N ASN A 11 3.33 0.60 -8.89
CA ASN A 11 3.87 -0.69 -9.42
C ASN A 11 2.89 -1.85 -9.19
N MET A 12 1.64 -1.56 -8.90
CA MET A 12 0.65 -2.66 -8.67
C MET A 12 -0.78 -2.12 -8.74
N SER A 13 -1.65 -2.78 -9.46
CA SER A 13 -3.06 -2.31 -9.56
C SER A 13 -3.96 -3.08 -8.59
N GLY A 14 -3.61 -3.09 -7.32
CA GLY A 14 -4.44 -3.82 -6.32
C GLY A 14 -4.20 -3.24 -4.92
N CYS A 15 -4.00 -4.10 -3.96
CA CYS A 15 -3.76 -3.60 -2.56
C CYS A 15 -2.57 -4.33 -1.94
N GLY A 16 -1.89 -3.71 -1.02
CA GLY A 16 -0.70 -4.37 -0.38
C GLY A 16 -0.43 -3.74 0.98
N VAL A 17 0.68 -4.09 1.59
CA VAL A 17 1.02 -3.51 2.94
C VAL A 17 1.61 -2.11 2.76
N CYS A 18 1.13 -1.16 3.50
CA CYS A 18 1.66 0.23 3.36
C CYS A 18 2.06 0.79 4.73
N CYS A 19 3.24 1.35 4.84
CA CYS A 19 3.68 1.94 6.13
C CYS A 19 3.79 3.47 6.02
N ARG A 20 3.02 4.07 5.16
CA ARG A 20 3.07 5.56 5.00
C ARG A 20 1.79 6.19 5.54
N PHE A 21 1.88 6.93 6.62
CA PHE A 21 0.66 7.59 7.19
C PHE A 21 1.05 8.91 7.89
N GLY A 1 -0.35 -0.65 14.15
CA GLY A 1 0.89 -1.30 13.63
C GLY A 1 1.11 -0.90 12.16
N CYS A 2 0.69 -1.74 11.24
CA CYS A 2 0.86 -1.41 9.78
C CYS A 2 -0.53 -1.30 9.13
N ARG A 3 -0.63 -0.56 8.06
CA ARG A 3 -1.96 -0.40 7.39
C ARG A 3 -1.89 -0.97 5.96
N PHE A 4 -3.00 -1.41 5.43
CA PHE A 4 -2.99 -1.97 4.04
C PHE A 4 -3.51 -0.92 3.06
N CYS A 5 -2.81 -0.72 1.97
CA CYS A 5 -3.28 0.31 0.98
C CYS A 5 -3.32 -0.31 -0.42
N CYS A 6 -4.20 0.16 -1.26
CA CYS A 6 -4.28 -0.40 -2.66
C CYS A 6 -4.16 0.73 -3.68
N ASN A 7 -3.23 1.62 -3.45
CA ASN A 7 -3.00 2.77 -4.39
C ASN A 7 -1.77 3.56 -3.95
N CYS A 8 -0.65 3.34 -4.60
CA CYS A 8 0.60 4.07 -4.21
C CYS A 8 1.47 4.39 -5.42
N CYS A 9 1.57 3.45 -6.31
CA CYS A 9 2.47 3.62 -7.46
C CYS A 9 1.90 2.92 -8.69
N PRO A 10 2.11 3.52 -9.84
CA PRO A 10 1.59 2.94 -11.11
C PRO A 10 2.39 1.69 -11.52
N ASN A 11 2.45 0.70 -10.66
CA ASN A 11 3.20 -0.55 -11.00
C ASN A 11 2.67 -1.74 -10.17
N MET A 12 1.42 -1.70 -9.77
CA MET A 12 0.84 -2.83 -8.95
C MET A 12 -0.66 -2.61 -8.74
N SER A 13 -1.49 -3.27 -9.52
CA SER A 13 -2.96 -3.11 -9.36
C SER A 13 -3.49 -4.03 -8.26
N GLY A 14 -3.08 -3.80 -7.04
CA GLY A 14 -3.56 -4.65 -5.91
C GLY A 14 -3.43 -3.87 -4.59
N CYS A 15 -2.91 -4.50 -3.57
CA CYS A 15 -2.75 -3.80 -2.27
C CYS A 15 -1.35 -4.07 -1.70
N GLY A 16 -0.86 -3.20 -0.87
CA GLY A 16 0.50 -3.39 -0.28
C GLY A 16 0.48 -3.06 1.21
N VAL A 17 1.43 -3.53 1.95
CA VAL A 17 1.47 -3.22 3.41
C VAL A 17 2.17 -1.87 3.63
N CYS A 18 1.51 -0.97 4.32
CA CYS A 18 2.13 0.37 4.57
C CYS A 18 2.42 0.55 6.06
N CYS A 19 3.64 0.84 6.42
CA CYS A 19 3.97 1.04 7.87
C CYS A 19 4.43 2.48 8.12
N ARG A 20 4.36 3.35 7.14
CA ARG A 20 4.78 4.77 7.34
C ARG A 20 3.55 5.69 7.29
N PHE A 21 3.19 6.29 8.40
CA PHE A 21 2.02 7.20 8.41
C PHE A 21 2.28 8.39 9.34
N GLY A 1 3.49 0.79 12.70
CA GLY A 1 2.68 -0.40 12.30
C GLY A 1 2.42 -0.36 10.79
N CYS A 2 1.93 -1.44 10.23
CA CYS A 2 1.65 -1.47 8.76
C CYS A 2 0.17 -1.81 8.51
N ARG A 3 -0.45 -1.13 7.59
CA ARG A 3 -1.89 -1.40 7.29
C ARG A 3 -2.05 -1.79 5.81
N PHE A 4 -3.10 -2.50 5.48
CA PHE A 4 -3.29 -2.91 4.05
C PHE A 4 -3.93 -1.75 3.27
N CYS A 5 -3.38 -1.42 2.14
CA CYS A 5 -3.95 -0.29 1.33
C CYS A 5 -3.83 -0.57 -0.16
N CYS A 6 -4.54 0.15 -0.97
CA CYS A 6 -4.48 -0.08 -2.45
C CYS A 6 -3.91 1.16 -3.16
N ASN A 7 -2.86 1.73 -2.63
CA ASN A 7 -2.24 2.94 -3.27
C ASN A 7 -0.96 3.36 -2.51
N CYS A 8 -0.12 2.42 -2.18
CA CYS A 8 1.15 2.78 -1.45
C CYS A 8 2.14 3.41 -2.40
N CYS A 9 2.21 2.87 -3.59
CA CYS A 9 3.22 3.32 -4.55
C CYS A 9 2.68 3.15 -5.97
N PRO A 10 3.16 3.96 -6.88
CA PRO A 10 2.69 3.88 -8.30
C PRO A 10 3.21 2.61 -8.99
N ASN A 11 2.87 1.46 -8.46
CA ASN A 11 3.33 0.17 -9.07
C ASN A 11 2.33 -0.95 -8.78
N MET A 12 1.95 -1.11 -7.53
CA MET A 12 0.98 -2.19 -7.17
C MET A 12 -0.43 -1.86 -7.69
N SER A 13 -0.82 -2.45 -8.78
CA SER A 13 -2.19 -2.17 -9.32
C SER A 13 -3.22 -3.01 -8.53
N GLY A 14 -3.25 -2.85 -7.24
CA GLY A 14 -4.23 -3.62 -6.42
C GLY A 14 -4.11 -3.18 -4.95
N CYS A 15 -3.92 -4.11 -4.06
CA CYS A 15 -3.79 -3.74 -2.61
C CYS A 15 -2.62 -4.50 -1.98
N GLY A 16 -1.97 -3.92 -1.01
CA GLY A 16 -0.81 -4.61 -0.37
C GLY A 16 -0.57 -4.01 1.02
N VAL A 17 0.52 -4.39 1.65
CA VAL A 17 0.81 -3.86 3.02
C VAL A 17 1.44 -2.46 2.90
N CYS A 18 0.88 -1.49 3.58
CA CYS A 18 1.42 -0.11 3.51
C CYS A 18 1.74 0.41 4.91
N CYS A 19 2.95 0.84 5.14
CA CYS A 19 3.33 1.36 6.50
C CYS A 19 3.24 2.88 6.50
N ARG A 20 3.85 3.52 5.54
CA ARG A 20 3.80 5.02 5.47
C ARG A 20 2.96 5.45 4.26
N PHE A 21 2.46 6.66 4.26
CA PHE A 21 1.62 7.15 3.11
C PHE A 21 2.07 8.54 2.67
N GLY A 1 2.08 -0.86 13.20
CA GLY A 1 3.16 -1.07 12.19
C GLY A 1 2.69 -0.63 10.80
N CYS A 2 2.31 -1.55 9.97
CA CYS A 2 1.84 -1.16 8.60
C CYS A 2 0.38 -1.57 8.41
N ARG A 3 -0.33 -0.90 7.56
CA ARG A 3 -1.76 -1.24 7.32
C ARG A 3 -1.95 -1.64 5.86
N PHE A 4 -2.97 -2.40 5.55
CA PHE A 4 -3.19 -2.82 4.13
C PHE A 4 -3.96 -1.74 3.38
N CYS A 5 -3.53 -1.40 2.19
CA CYS A 5 -4.24 -0.34 1.41
C CYS A 5 -4.19 -0.64 -0.11
N CYS A 6 -5.13 -0.12 -0.85
CA CYS A 6 -5.13 -0.35 -2.33
C CYS A 6 -4.49 0.85 -3.04
N ASN A 7 -3.50 1.45 -2.42
CA ASN A 7 -2.81 2.63 -3.05
C ASN A 7 -1.63 3.06 -2.18
N CYS A 8 -0.44 2.64 -2.53
CA CYS A 8 0.75 3.03 -1.71
C CYS A 8 1.85 3.60 -2.58
N CYS A 9 2.07 3.00 -3.71
CA CYS A 9 3.18 3.42 -4.57
C CYS A 9 2.83 3.16 -6.04
N PRO A 10 3.44 3.92 -6.93
CA PRO A 10 3.17 3.75 -8.39
C PRO A 10 3.83 2.46 -8.91
N ASN A 11 3.55 1.34 -8.29
CA ASN A 11 4.15 0.04 -8.73
C ASN A 11 3.25 -1.14 -8.33
N MET A 12 1.98 -0.91 -8.09
CA MET A 12 1.07 -2.03 -7.68
C MET A 12 -0.39 -1.66 -7.91
N SER A 13 -0.99 -2.20 -8.95
CA SER A 13 -2.42 -1.89 -9.23
C SER A 13 -3.33 -2.88 -8.47
N GLY A 14 -3.31 -2.82 -7.16
CA GLY A 14 -4.16 -3.76 -6.36
C GLY A 14 -4.17 -3.31 -4.90
N CYS A 15 -3.85 -4.22 -4.00
CA CYS A 15 -3.84 -3.86 -2.55
C CYS A 15 -2.67 -4.54 -1.85
N GLY A 16 -1.98 -3.83 -1.00
CA GLY A 16 -0.82 -4.43 -0.28
C GLY A 16 -0.64 -3.76 1.08
N VAL A 17 0.27 -4.26 1.88
CA VAL A 17 0.50 -3.64 3.23
C VAL A 17 1.40 -2.39 3.08
N CYS A 18 0.99 -1.30 3.67
CA CYS A 18 1.79 -0.04 3.57
C CYS A 18 2.03 0.54 4.98
N CYS A 19 3.21 1.04 5.23
CA CYS A 19 3.51 1.64 6.57
C CYS A 19 3.40 3.16 6.47
N ARG A 20 4.03 3.74 5.47
CA ARG A 20 3.96 5.21 5.28
C ARG A 20 3.10 5.52 4.04
N PHE A 21 2.57 6.71 3.96
CA PHE A 21 1.72 7.08 2.78
C PHE A 21 2.21 8.40 2.17
N GLY A 1 2.76 -0.33 13.82
CA GLY A 1 2.14 -1.45 13.05
C GLY A 1 2.09 -1.11 11.55
N CYS A 2 1.57 -2.01 10.73
CA CYS A 2 1.47 -1.73 9.26
C CYS A 2 0.02 -1.84 8.81
N ARG A 3 -0.31 -1.27 7.68
CA ARG A 3 -1.72 -1.33 7.19
C ARG A 3 -1.76 -1.64 5.70
N PHE A 4 -2.84 -2.15 5.20
CA PHE A 4 -2.93 -2.47 3.74
C PHE A 4 -3.41 -1.24 2.97
N CYS A 5 -2.73 -0.92 1.89
CA CYS A 5 -3.13 0.28 1.07
C CYS A 5 -3.40 -0.13 -0.37
N CYS A 6 -4.30 0.56 -1.04
CA CYS A 6 -4.59 0.23 -2.48
C CYS A 6 -4.23 1.42 -3.37
N ASN A 7 -3.17 2.10 -3.03
CA ASN A 7 -2.72 3.29 -3.83
C ASN A 7 -1.42 3.82 -3.24
N CYS A 8 -0.38 3.92 -4.02
CA CYS A 8 0.92 4.43 -3.48
C CYS A 8 1.95 4.53 -4.59
N CYS A 9 2.02 3.50 -5.39
CA CYS A 9 3.06 3.45 -6.43
C CYS A 9 2.56 2.65 -7.64
N PRO A 10 3.02 3.02 -8.81
CA PRO A 10 2.59 2.32 -10.05
C PRO A 10 3.25 0.93 -10.17
N ASN A 11 3.11 0.11 -9.17
CA ASN A 11 3.73 -1.25 -9.22
C ASN A 11 2.81 -2.28 -8.51
N MET A 12 1.52 -2.10 -8.58
CA MET A 12 0.58 -3.06 -7.92
C MET A 12 -0.87 -2.72 -8.29
N SER A 13 -1.46 -3.48 -9.17
CA SER A 13 -2.88 -3.19 -9.56
C SER A 13 -3.83 -3.77 -8.49
N GLY A 14 -3.72 -3.32 -7.27
CA GLY A 14 -4.62 -3.84 -6.19
C GLY A 14 -4.28 -3.16 -4.86
N CYS A 15 -3.75 -3.90 -3.93
CA CYS A 15 -3.40 -3.30 -2.60
C CYS A 15 -2.06 -3.88 -2.09
N GLY A 16 -1.36 -3.14 -1.26
CA GLY A 16 -0.07 -3.62 -0.73
C GLY A 16 0.08 -3.19 0.73
N VAL A 17 1.07 -3.68 1.42
CA VAL A 17 1.26 -3.29 2.85
C VAL A 17 1.95 -1.92 2.96
N CYS A 18 1.37 -1.02 3.69
CA CYS A 18 1.99 0.34 3.84
C CYS A 18 2.20 0.65 5.33
N CYS A 19 3.37 1.13 5.67
CA CYS A 19 3.65 1.47 7.11
C CYS A 19 3.90 2.98 7.26
N ARG A 20 3.53 3.77 6.29
CA ARG A 20 3.75 5.24 6.35
C ARG A 20 2.40 5.97 6.50
N PHE A 21 2.17 6.61 7.62
CA PHE A 21 0.88 7.34 7.83
C PHE A 21 1.13 8.67 8.53
N GLY A 1 1.79 -2.75 14.00
CA GLY A 1 0.92 -1.57 13.73
C GLY A 1 1.12 -1.10 12.28
N CYS A 2 0.44 -1.73 11.35
CA CYS A 2 0.59 -1.32 9.91
C CYS A 2 -0.79 -1.36 9.24
N ARG A 3 -0.93 -0.67 8.14
CA ARG A 3 -2.26 -0.66 7.41
C ARG A 3 -2.07 -1.16 5.98
N PHE A 4 -3.11 -1.70 5.39
CA PHE A 4 -3.00 -2.20 3.98
C PHE A 4 -3.48 -1.12 3.01
N CYS A 5 -2.71 -0.81 2.00
CA CYS A 5 -3.14 0.25 1.03
C CYS A 5 -3.19 -0.32 -0.39
N CYS A 6 -4.06 0.21 -1.22
CA CYS A 6 -4.14 -0.28 -2.63
C CYS A 6 -3.90 0.88 -3.60
N ASN A 7 -3.01 1.77 -3.26
CA ASN A 7 -2.69 2.92 -4.15
C ASN A 7 -1.38 3.58 -3.72
N CYS A 8 -0.32 3.33 -4.44
CA CYS A 8 1.00 3.94 -4.06
C CYS A 8 1.77 4.36 -5.29
N CYS A 9 1.78 3.52 -6.29
CA CYS A 9 2.58 3.78 -7.49
C CYS A 9 1.89 3.16 -8.72
N PRO A 10 2.11 3.76 -9.87
CA PRO A 10 1.48 3.25 -11.13
C PRO A 10 2.15 1.94 -11.60
N ASN A 11 2.22 0.96 -10.74
CA ASN A 11 2.84 -0.35 -11.13
C ASN A 11 2.41 -1.46 -10.17
N MET A 12 1.19 -1.42 -9.71
CA MET A 12 0.71 -2.48 -8.77
C MET A 12 -0.82 -2.56 -8.78
N SER A 13 -1.37 -3.55 -9.44
CA SER A 13 -2.86 -3.67 -9.49
C SER A 13 -3.36 -4.50 -8.29
N GLY A 14 -3.14 -4.02 -7.09
CA GLY A 14 -3.60 -4.78 -5.90
C GLY A 14 -3.44 -3.92 -4.64
N CYS A 15 -2.86 -4.47 -3.61
CA CYS A 15 -2.66 -3.69 -2.34
C CYS A 15 -1.29 -4.01 -1.73
N GLY A 16 -0.82 -3.17 -0.84
CA GLY A 16 0.50 -3.40 -0.18
C GLY A 16 0.39 -3.01 1.29
N VAL A 17 1.31 -3.44 2.11
CA VAL A 17 1.25 -3.09 3.56
C VAL A 17 2.03 -1.79 3.81
N CYS A 18 1.42 -0.88 4.52
CA CYS A 18 2.11 0.41 4.83
C CYS A 18 2.07 0.65 6.34
N CYS A 19 3.19 0.91 6.96
CA CYS A 19 3.21 1.15 8.44
C CYS A 19 3.34 2.65 8.74
N ARG A 20 4.18 3.35 8.02
CA ARG A 20 4.35 4.81 8.27
C ARG A 20 3.77 5.62 7.10
N PHE A 21 3.13 6.73 7.39
CA PHE A 21 2.54 7.57 6.32
C PHE A 21 3.07 9.01 6.41
N GLY A 1 3.64 -1.07 13.18
CA GLY A 1 2.46 -1.71 12.54
C GLY A 1 2.27 -1.12 11.13
N CYS A 2 1.62 -1.85 10.25
CA CYS A 2 1.40 -1.33 8.87
C CYS A 2 -0.08 -1.46 8.47
N ARG A 3 -0.52 -0.71 7.51
CA ARG A 3 -1.95 -0.79 7.07
C ARG A 3 -2.04 -1.24 5.62
N PHE A 4 -3.14 -1.84 5.23
CA PHE A 4 -3.29 -2.30 3.82
C PHE A 4 -3.93 -1.18 2.99
N CYS A 5 -3.38 -0.89 1.84
CA CYS A 5 -3.96 0.20 1.00
C CYS A 5 -3.89 -0.17 -0.49
N CYS A 6 -4.80 0.34 -1.28
CA CYS A 6 -4.78 0.02 -2.75
C CYS A 6 -4.40 1.27 -3.54
N ASN A 7 -3.40 1.99 -3.09
CA ASN A 7 -2.96 3.24 -3.79
C ASN A 7 -1.73 3.83 -3.11
N CYS A 8 -0.55 3.44 -3.53
CA CYS A 8 0.69 3.99 -2.89
C CYS A 8 1.75 4.30 -3.94
N CYS A 9 1.95 3.40 -4.85
CA CYS A 9 3.03 3.57 -5.83
C CYS A 9 2.66 2.91 -7.17
N PRO A 10 3.14 3.49 -8.24
CA PRO A 10 2.84 2.94 -9.60
C PRO A 10 3.56 1.60 -9.83
N ASN A 11 3.26 0.60 -9.05
CA ASN A 11 3.92 -0.73 -9.22
C ASN A 11 3.08 -1.83 -8.55
N MET A 12 1.78 -1.70 -8.58
CA MET A 12 0.91 -2.74 -7.93
C MET A 12 -0.47 -2.76 -8.61
N SER A 13 -1.04 -3.92 -8.78
CA SER A 13 -2.38 -4.02 -9.43
C SER A 13 -3.45 -4.45 -8.41
N GLY A 14 -3.41 -3.90 -7.22
CA GLY A 14 -4.43 -4.29 -6.20
C GLY A 14 -4.17 -3.52 -4.90
N CYS A 15 -3.98 -4.23 -3.81
CA CYS A 15 -3.72 -3.55 -2.51
C CYS A 15 -2.43 -4.09 -1.89
N GLY A 16 -1.67 -3.25 -1.23
CA GLY A 16 -0.40 -3.71 -0.61
C GLY A 16 -0.32 -3.21 0.84
N VAL A 17 0.71 -3.61 1.55
CA VAL A 17 0.85 -3.17 2.97
C VAL A 17 1.64 -1.86 3.03
N CYS A 18 1.12 -0.86 3.67
CA CYS A 18 1.85 0.45 3.78
C CYS A 18 2.28 0.69 5.22
N CYS A 19 3.48 1.13 5.44
CA CYS A 19 3.95 1.39 6.83
C CYS A 19 4.27 2.89 7.01
N ARG A 20 3.97 3.71 6.04
CA ARG A 20 4.24 5.18 6.16
C ARG A 20 2.92 5.94 6.28
N PHE A 21 2.70 6.61 7.40
CA PHE A 21 1.44 7.37 7.58
C PHE A 21 1.73 8.66 8.38
N GLY A 1 2.46 1.06 13.50
CA GLY A 1 1.98 -0.24 12.97
C GLY A 1 1.93 -0.20 11.44
N CYS A 2 1.20 -1.11 10.84
CA CYS A 2 1.10 -1.13 9.34
C CYS A 2 -0.37 -1.19 8.90
N ARG A 3 -0.66 -0.75 7.70
CA ARG A 3 -2.06 -0.77 7.21
C ARG A 3 -2.11 -1.33 5.78
N PHE A 4 -3.22 -1.88 5.38
CA PHE A 4 -3.35 -2.45 3.99
C PHE A 4 -3.84 -1.35 3.06
N CYS A 5 -3.16 -1.13 1.97
CA CYS A 5 -3.60 -0.05 1.03
C CYS A 5 -3.59 -0.55 -0.42
N CYS A 6 -4.44 -0.01 -1.25
CA CYS A 6 -4.47 -0.46 -2.68
C CYS A 6 -4.06 0.68 -3.61
N ASN A 7 -3.07 1.46 -3.22
CA ASN A 7 -2.60 2.58 -4.07
C ASN A 7 -1.37 3.24 -3.44
N CYS A 8 -0.26 2.54 -3.35
CA CYS A 8 0.95 3.14 -2.73
C CYS A 8 1.82 3.81 -3.78
N CYS A 9 1.96 3.17 -4.91
CA CYS A 9 2.85 3.69 -5.94
C CYS A 9 2.34 3.28 -7.34
N PRO A 10 2.84 3.93 -8.36
CA PRO A 10 2.41 3.63 -9.75
C PRO A 10 3.04 2.32 -10.26
N ASN A 11 2.94 1.26 -9.51
CA ASN A 11 3.54 -0.04 -9.95
C ASN A 11 2.82 -1.24 -9.32
N MET A 12 1.56 -1.10 -8.97
CA MET A 12 0.81 -2.23 -8.35
C MET A 12 -0.70 -2.04 -8.51
N SER A 13 -1.33 -2.83 -9.33
CA SER A 13 -2.80 -2.70 -9.51
C SER A 13 -3.53 -3.68 -8.57
N GLY A 14 -3.42 -3.47 -7.28
CA GLY A 14 -4.08 -4.37 -6.30
C GLY A 14 -3.97 -3.78 -4.91
N CYS A 15 -3.58 -4.56 -3.94
CA CYS A 15 -3.44 -4.04 -2.54
C CYS A 15 -2.16 -4.59 -1.90
N GLY A 16 -1.60 -3.86 -0.97
CA GLY A 16 -0.35 -4.32 -0.30
C GLY A 16 -0.26 -3.73 1.10
N VAL A 17 0.65 -4.21 1.90
CA VAL A 17 0.79 -3.68 3.29
C VAL A 17 1.74 -2.47 3.29
N CYS A 18 1.32 -1.38 3.89
CA CYS A 18 2.19 -0.16 3.94
C CYS A 18 2.32 0.31 5.39
N CYS A 19 3.50 0.69 5.80
CA CYS A 19 3.70 1.15 7.21
C CYS A 19 4.17 2.63 7.26
N ARG A 20 4.07 3.34 6.16
CA ARG A 20 4.50 4.77 6.17
C ARG A 20 3.28 5.69 6.02
N PHE A 21 3.04 6.52 7.00
CA PHE A 21 1.86 7.45 6.95
C PHE A 21 2.21 8.77 7.65
N GLY A 1 2.12 1.04 14.06
CA GLY A 1 1.54 -0.22 13.50
C GLY A 1 1.62 -0.19 11.98
N CYS A 2 0.90 -1.06 11.32
CA CYS A 2 0.91 -1.08 9.82
C CYS A 2 -0.52 -1.21 9.29
N ARG A 3 -0.74 -0.84 8.05
CA ARG A 3 -2.12 -0.93 7.48
C ARG A 3 -2.07 -1.43 6.03
N PHE A 4 -3.13 -2.02 5.56
CA PHE A 4 -3.15 -2.51 4.14
C PHE A 4 -3.57 -1.36 3.21
N CYS A 5 -2.93 -1.26 2.07
CA CYS A 5 -3.30 -0.15 1.11
C CYS A 5 -3.41 -0.70 -0.31
N CYS A 6 -4.23 -0.09 -1.13
CA CYS A 6 -4.38 -0.56 -2.54
C CYS A 6 -4.10 0.59 -3.51
N ASN A 7 -3.07 1.36 -3.25
CA ASN A 7 -2.71 2.50 -4.14
C ASN A 7 -1.49 3.23 -3.57
N CYS A 8 -0.33 2.99 -4.12
CA CYS A 8 0.90 3.68 -3.59
C CYS A 8 1.74 4.23 -4.73
N CYS A 9 1.87 3.48 -5.78
CA CYS A 9 2.76 3.88 -6.89
C CYS A 9 2.24 3.31 -8.21
N PRO A 10 2.67 3.89 -9.30
CA PRO A 10 2.23 3.43 -10.66
C PRO A 10 2.84 2.05 -10.98
N ASN A 11 2.51 1.05 -10.20
CA ASN A 11 3.05 -0.32 -10.44
C ASN A 11 2.19 -1.37 -9.73
N MET A 12 1.92 -1.17 -8.46
CA MET A 12 1.07 -2.15 -7.71
C MET A 12 -0.41 -1.83 -7.87
N SER A 13 -1.01 -2.23 -8.97
CA SER A 13 -2.46 -1.95 -9.17
C SER A 13 -3.30 -2.98 -8.38
N GLY A 14 -3.02 -3.11 -7.10
CA GLY A 14 -3.79 -4.09 -6.27
C GLY A 14 -3.74 -3.63 -4.81
N CYS A 15 -3.37 -4.51 -3.91
CA CYS A 15 -3.30 -4.13 -2.47
C CYS A 15 -1.98 -4.63 -1.85
N GLY A 16 -1.46 -3.92 -0.89
CA GLY A 16 -0.18 -4.34 -0.24
C GLY A 16 -0.14 -3.84 1.20
N VAL A 17 0.88 -4.21 1.93
CA VAL A 17 0.99 -3.75 3.36
C VAL A 17 1.67 -2.38 3.41
N CYS A 18 1.07 -1.44 4.10
CA CYS A 18 1.67 -0.08 4.18
C CYS A 18 2.05 0.23 5.64
N CYS A 19 3.29 0.51 5.91
CA CYS A 19 3.71 0.82 7.30
C CYS A 19 4.17 2.29 7.41
N ARG A 20 4.13 3.04 6.33
CA ARG A 20 4.53 4.47 6.38
C ARG A 20 3.28 5.35 6.19
N PHE A 21 3.12 6.36 7.01
CA PHE A 21 1.93 7.25 6.87
C PHE A 21 2.32 8.69 7.27
N GLY A 1 0.81 1.40 13.11
CA GLY A 1 1.32 0.04 12.74
C GLY A 1 1.40 -0.04 11.20
N CYS A 2 1.03 -1.17 10.64
CA CYS A 2 1.08 -1.31 9.14
C CYS A 2 -0.32 -1.53 8.60
N ARG A 3 -0.69 -0.82 7.56
CA ARG A 3 -2.06 -0.98 7.00
C ARG A 3 -2.00 -1.45 5.55
N PHE A 4 -3.03 -2.11 5.09
CA PHE A 4 -3.06 -2.59 3.68
C PHE A 4 -3.74 -1.54 2.81
N CYS A 5 -3.12 -1.12 1.74
CA CYS A 5 -3.75 -0.08 0.87
C CYS A 5 -3.71 -0.48 -0.61
N CYS A 6 -4.66 -0.04 -1.39
CA CYS A 6 -4.67 -0.38 -2.84
C CYS A 6 -4.26 0.84 -3.67
N ASN A 7 -3.35 1.64 -3.17
CA ASN A 7 -2.89 2.85 -3.93
C ASN A 7 -1.71 3.53 -3.23
N CYS A 8 -0.61 2.84 -3.09
CA CYS A 8 0.58 3.45 -2.40
C CYS A 8 1.53 4.05 -3.41
N CYS A 9 1.71 3.37 -4.50
CA CYS A 9 2.70 3.79 -5.50
C CYS A 9 2.23 3.38 -6.91
N PRO A 10 2.72 4.08 -7.91
CA PRO A 10 2.33 3.77 -9.32
C PRO A 10 2.99 2.46 -9.79
N ASN A 11 2.80 1.38 -9.08
CA ASN A 11 3.41 0.08 -9.51
C ASN A 11 2.69 -1.09 -8.83
N MET A 12 1.39 -1.04 -8.72
CA MET A 12 0.66 -2.17 -8.06
C MET A 12 -0.72 -2.36 -8.70
N SER A 13 -1.15 -3.58 -8.84
CA SER A 13 -2.50 -3.85 -9.45
C SER A 13 -3.45 -4.44 -8.39
N GLY A 14 -3.35 -3.97 -7.17
CA GLY A 14 -4.22 -4.50 -6.08
C GLY A 14 -3.90 -3.78 -4.77
N CYS A 15 -3.66 -4.50 -3.72
CA CYS A 15 -3.33 -3.85 -2.42
C CYS A 15 -1.96 -4.29 -1.93
N GLY A 16 -1.29 -3.43 -1.18
CA GLY A 16 0.06 -3.78 -0.65
C GLY A 16 0.13 -3.37 0.82
N VAL A 17 1.11 -3.87 1.54
CA VAL A 17 1.23 -3.52 2.99
C VAL A 17 1.91 -2.15 3.12
N CYS A 18 1.29 -1.23 3.82
CA CYS A 18 1.90 0.12 3.98
C CYS A 18 2.29 0.35 5.44
N CYS A 19 3.54 0.64 5.69
CA CYS A 19 3.98 0.89 7.09
C CYS A 19 4.47 2.34 7.24
N ARG A 20 4.58 3.06 6.15
CA ARG A 20 5.05 4.47 6.21
C ARG A 20 3.90 5.42 5.88
N PHE A 21 3.56 6.30 6.79
CA PHE A 21 2.43 7.26 6.53
C PHE A 21 2.81 8.65 7.02
N GLY A 1 1.79 0.07 14.31
CA GLY A 1 1.01 -0.90 13.48
C GLY A 1 1.21 -0.58 11.99
N CYS A 2 0.60 -1.34 11.12
CA CYS A 2 0.75 -1.09 9.65
C CYS A 2 -0.62 -1.06 8.98
N ARG A 3 -0.73 -0.49 7.82
CA ARG A 3 -2.06 -0.44 7.11
C ARG A 3 -1.93 -0.99 5.69
N PHE A 4 -2.97 -1.59 5.19
CA PHE A 4 -2.94 -2.14 3.80
C PHE A 4 -3.51 -1.09 2.83
N CYS A 5 -2.78 -0.76 1.78
CA CYS A 5 -3.29 0.28 0.83
C CYS A 5 -3.31 -0.27 -0.61
N CYS A 6 -4.21 0.21 -1.43
CA CYS A 6 -4.27 -0.25 -2.85
C CYS A 6 -4.02 0.93 -3.80
N ASN A 7 -3.04 1.75 -3.50
CA ASN A 7 -2.73 2.92 -4.37
C ASN A 7 -1.46 3.63 -3.88
N CYS A 8 -0.34 2.97 -3.94
CA CYS A 8 0.94 3.62 -3.47
C CYS A 8 1.75 4.10 -4.66
N CYS A 9 1.78 3.32 -5.69
CA CYS A 9 2.62 3.65 -6.84
C CYS A 9 2.01 3.07 -8.12
N PRO A 10 2.33 3.67 -9.25
CA PRO A 10 1.78 3.18 -10.55
C PRO A 10 2.44 1.86 -10.97
N ASN A 11 2.40 0.87 -10.11
CA ASN A 11 3.01 -0.45 -10.45
C ASN A 11 2.42 -1.55 -9.55
N MET A 12 1.14 -1.49 -9.25
CA MET A 12 0.53 -2.53 -8.38
C MET A 12 -0.97 -2.65 -8.67
N SER A 13 -1.38 -3.69 -9.32
CA SER A 13 -2.82 -3.88 -9.63
C SER A 13 -3.52 -4.61 -8.46
N GLY A 14 -3.39 -4.08 -7.26
CA GLY A 14 -4.04 -4.75 -6.09
C GLY A 14 -3.79 -3.90 -4.83
N CYS A 15 -3.22 -4.50 -3.81
CA CYS A 15 -2.97 -3.73 -2.54
C CYS A 15 -1.59 -4.08 -1.97
N GLY A 16 -0.99 -3.16 -1.25
CA GLY A 16 0.35 -3.42 -0.65
C GLY A 16 0.32 -3.07 0.84
N VAL A 17 1.27 -3.55 1.59
CA VAL A 17 1.31 -3.23 3.05
C VAL A 17 2.07 -1.92 3.30
N CYS A 18 1.46 -0.98 3.98
CA CYS A 18 2.15 0.31 4.26
C CYS A 18 2.40 0.45 5.78
N CYS A 19 3.59 0.80 6.18
CA CYS A 19 3.87 0.94 7.65
C CYS A 19 4.30 2.37 8.01
N ARG A 20 4.32 3.28 7.06
CA ARG A 20 4.71 4.69 7.39
C ARG A 20 3.50 5.61 7.28
N PHE A 21 3.10 6.22 8.38
CA PHE A 21 1.92 7.14 8.36
C PHE A 21 2.18 8.33 9.28
#